data_9IVL
#
_entry.id   9IVL
#
_cell.length_a   44.605
_cell.length_b   51.728
_cell.length_c   88.226
_cell.angle_alpha   90
_cell.angle_beta   90
_cell.angle_gamma   90
#
_symmetry.space_group_name_H-M   'P 21 21 21'
#
loop_
_entity.id
_entity.type
_entity.pdbx_description
1 polymer beta-lactamase
2 non-polymer GLYCEROL
3 non-polymer '(4R,5S)-3-(6,7-dihydro-5H-pyrazolo[1,2-a][1,2,4]triazol-4-ium-6-ylsulfanyl)-5-[(1S,2R)-1-formyl-2-hydroxypropyl]-4-meth yl-4,5-dihydro-1H-pyrrole-2-carboxylate'
4 non-polymer 'CHLORIDE ION'
5 water water
#
_entity_poly.entity_id   1
_entity_poly.type   'polypeptide(L)'
_entity_poly.pdbx_seq_one_letter_code
;MGNKSDAAAKQIKKLEEDFDGRIGVFAIDTGSGNTFGYRSDERFPLCSSFKGFLAAAVLERVQQKKLDINQKVKYESRDL
EYHSPITTKYKGSGMTLGDMASAALQYSDNGATNIIMERFLGGPEGMTKFMRSIGDNEFRLDRWALELNTAIPGDKRDTS
TPKAVANSLNKLALGNVLNAKVKAIYQNWLKGNTTGDARIRASVPADWVVGDKTGSCGAYGTANDYAVIWPKNRAPLIVS
IYTTRKSKDDKHSDKTIAEASRIAIQAIDHHHHHH
;
_entity_poly.pdbx_strand_id   A
#
loop_
_chem_comp.id
_chem_comp.type
_chem_comp.name
_chem_comp.formula
BMG non-polymer '(4R,5S)-3-(6,7-dihydro-5H-pyrazolo[1,2-a][1,2,4]triazol-4-ium-6-ylsulfanyl)-5-[(1S,2R)-1-formyl-2-hydroxypropyl]-4-meth yl-4,5-dihydro-1H-pyrrole-2-carboxylate' 'C15 H20 N4 O4 S'
CL non-polymer 'CHLORIDE ION' 'Cl -1'
GOL non-polymer GLYCEROL 'C3 H8 O3'
#
# COMPACT_ATOMS: atom_id res chain seq x y z
N SER A 5 -10.48 -22.77 17.98
CA SER A 5 -11.06 -21.42 17.72
C SER A 5 -11.86 -21.39 16.42
N ASP A 6 -12.65 -20.32 16.30
CA ASP A 6 -13.71 -20.29 15.31
C ASP A 6 -13.16 -20.18 13.90
N ALA A 7 -13.96 -20.65 12.94
CA ALA A 7 -13.60 -20.44 11.56
C ALA A 7 -13.43 -18.95 11.30
N ALA A 8 -12.57 -18.64 10.32
CA ALA A 8 -12.38 -17.26 9.93
C ALA A 8 -13.70 -16.59 9.54
N ALA A 9 -14.60 -17.34 8.87
CA ALA A 9 -15.84 -16.72 8.43
C ALA A 9 -16.60 -16.14 9.63
N LYS A 10 -16.59 -16.88 10.75
CA LYS A 10 -17.29 -16.33 11.91
C LYS A 10 -16.52 -15.17 12.55
N GLN A 11 -15.19 -15.31 12.68
CA GLN A 11 -14.44 -14.26 13.38
C GLN A 11 -14.47 -12.95 12.59
N ILE A 12 -14.38 -13.03 11.24
CA ILE A 12 -14.32 -11.81 10.46
C ILE A 12 -15.67 -11.09 10.47
N LYS A 13 -16.76 -11.87 10.52
CA LYS A 13 -18.08 -11.28 10.52
C LYS A 13 -18.32 -10.56 11.84
N LYS A 14 -17.98 -11.22 12.96
CA LYS A 14 -18.14 -10.55 14.25
C LYS A 14 -17.26 -9.31 14.37
N LEU A 15 -16.05 -9.36 13.81
CA LEU A 15 -15.15 -8.22 13.86
C LEU A 15 -15.80 -7.06 13.11
N GLU A 16 -16.34 -7.37 11.95
CA GLU A 16 -16.92 -6.33 11.12
C GLU A 16 -18.14 -5.69 11.81
N GLU A 17 -18.93 -6.50 12.52
CA GLU A 17 -20.04 -5.98 13.32
C GLU A 17 -19.55 -5.02 14.40
N ASP A 18 -18.50 -5.43 15.12
CA ASP A 18 -17.90 -4.59 16.15
C ASP A 18 -17.40 -3.27 15.55
N PHE A 19 -16.75 -3.35 14.39
CA PHE A 19 -16.09 -2.21 13.79
C PHE A 19 -17.14 -1.20 13.28
N ASP A 20 -18.36 -1.64 12.98
CA ASP A 20 -19.38 -0.72 12.48
C ASP A 20 -18.95 -0.10 11.15
N GLY A 21 -18.68 -0.97 10.20
CA GLY A 21 -18.16 -0.57 8.91
C GLY A 21 -17.99 -1.81 8.05
N ARG A 22 -17.08 -1.70 7.09
CA ARG A 22 -16.75 -2.84 6.24
C ARG A 22 -15.26 -3.14 6.31
N ILE A 23 -14.93 -4.42 6.32
CA ILE A 23 -13.55 -4.90 6.31
C ILE A 23 -13.37 -5.76 5.06
N GLY A 24 -12.34 -5.45 4.27
CA GLY A 24 -12.01 -6.26 3.10
C GLY A 24 -10.64 -6.88 3.27
N VAL A 25 -10.55 -8.16 2.95
CA VAL A 25 -9.34 -8.94 3.26
C VAL A 25 -8.99 -9.79 2.05
N PHE A 26 -7.70 -9.86 1.72
CA PHE A 26 -7.22 -10.95 0.90
C PHE A 26 -5.83 -11.33 1.37
N ALA A 27 -5.57 -12.63 1.56
CA ALA A 27 -4.24 -13.07 1.97
C ALA A 27 -3.88 -14.29 1.14
N ILE A 28 -2.57 -14.44 0.91
CA ILE A 28 -2.06 -15.53 0.08
C ILE A 28 -0.91 -16.17 0.81
N ASP A 29 -0.96 -17.52 0.99
CA ASP A 29 0.23 -18.23 1.37
C ASP A 29 0.96 -18.60 0.08
N THR A 30 2.05 -17.90 -0.23
CA THR A 30 2.70 -18.17 -1.52
C THR A 30 3.38 -19.53 -1.65
N GLY A 31 3.47 -20.26 -0.55
CA GLY A 31 4.09 -21.58 -0.56
C GLY A 31 3.11 -22.66 -1.03
N SER A 32 1.82 -22.40 -0.87
CA SER A 32 0.79 -23.35 -1.28
C SER A 32 -0.10 -22.82 -2.39
N GLY A 33 -0.21 -21.49 -2.48
CA GLY A 33 -1.26 -20.86 -3.28
C GLY A 33 -2.60 -20.77 -2.55
N ASN A 34 -2.69 -21.17 -1.28
CA ASN A 34 -3.95 -21.01 -0.58
C ASN A 34 -4.25 -19.53 -0.41
N THR A 35 -5.54 -19.19 -0.47
CA THR A 35 -5.94 -17.79 -0.33
C THR A 35 -7.13 -17.69 0.63
N PHE A 36 -7.23 -16.54 1.33
CA PHE A 36 -8.40 -16.25 2.16
C PHE A 36 -8.90 -14.86 1.77
N GLY A 37 -10.21 -14.76 1.59
CA GLY A 37 -10.75 -13.46 1.23
C GLY A 37 -12.07 -13.22 1.95
N TYR A 38 -12.35 -11.94 2.18
CA TYR A 38 -13.64 -11.52 2.67
C TYR A 38 -13.86 -10.14 2.05
N ARG A 39 -14.98 -9.94 1.32
CA ARG A 39 -15.15 -8.71 0.53
C ARG A 39 -13.93 -8.50 -0.36
N SER A 40 -13.33 -9.58 -0.86
CA SER A 40 -12.03 -9.47 -1.50
C SER A 40 -12.08 -8.82 -2.89
N ASP A 41 -13.28 -8.77 -3.48
CA ASP A 41 -13.44 -8.13 -4.78
C ASP A 41 -14.20 -6.82 -4.65
N GLU A 42 -14.47 -6.38 -3.43
CA GLU A 42 -15.18 -5.12 -3.21
C GLU A 42 -14.22 -3.94 -3.25
N ARG A 43 -14.69 -2.86 -3.89
CA ARG A 43 -13.86 -1.66 -3.90
C ARG A 43 -13.72 -1.05 -2.51
N PHE A 44 -12.49 -0.66 -2.20
CA PHE A 44 -12.20 0.13 -0.99
C PHE A 44 -11.27 1.25 -1.40
N PRO A 45 -11.36 2.41 -0.73
CA PRO A 45 -10.43 3.53 -0.99
C PRO A 45 -9.00 3.12 -0.71
N LEU A 46 -8.10 3.49 -1.61
CA LEU A 46 -6.67 3.25 -1.50
C LEU A 46 -6.07 4.10 -0.38
N CYS A 47 -6.53 5.35 -0.25
CA CYS A 47 -5.85 6.35 0.57
C CYS A 47 -4.38 6.40 0.14
N SER A 48 -3.45 6.56 1.09
CA SER A 48 -2.06 6.68 0.70
C SER A 48 -1.41 5.37 0.27
N SER A 49 -2.13 4.24 0.36
CA SER A 49 -1.47 2.95 0.15
C SER A 49 -0.98 2.78 -1.28
N PHE A 50 -1.53 3.56 -2.24
CA PHE A 50 -1.02 3.47 -3.61
C PHE A 50 0.45 3.87 -3.71
N LYS A 51 0.98 4.58 -2.71
CA LYS A 51 2.33 5.08 -2.84
C LYS A 51 3.33 3.94 -2.87
N GLY A 52 2.98 2.81 -2.23
CA GLY A 52 3.90 1.69 -2.30
C GLY A 52 4.00 1.13 -3.73
N PHE A 53 2.94 1.28 -4.53
CA PHE A 53 3.00 0.86 -5.92
C PHE A 53 3.66 1.90 -6.81
N LEU A 54 3.51 3.20 -6.45
CA LEU A 54 4.25 4.24 -7.15
C LEU A 54 5.76 4.02 -6.99
N ALA A 55 6.22 3.65 -5.77
CA ALA A 55 7.62 3.38 -5.54
C ALA A 55 8.12 2.22 -6.41
N ALA A 56 7.31 1.15 -6.48
CA ALA A 56 7.65 0.00 -7.32
C ALA A 56 7.71 0.40 -8.79
N ALA A 57 6.81 1.30 -9.23
CA ALA A 57 6.82 1.72 -10.63
C ALA A 57 8.11 2.47 -10.97
N VAL A 58 8.56 3.32 -10.04
CA VAL A 58 9.84 3.99 -10.22
C VAL A 58 10.95 2.97 -10.42
N LEU A 59 10.94 1.89 -9.61
CA LEU A 59 11.99 0.88 -9.72
C LEU A 59 11.89 0.06 -11.00
N GLU A 60 10.66 -0.17 -11.48
CA GLU A 60 10.50 -0.81 -12.79
CA GLU A 60 10.55 -0.84 -12.77
C GLU A 60 11.16 0.04 -13.87
N ARG A 61 10.93 1.35 -13.79
CA ARG A 61 11.54 2.20 -14.79
C ARG A 61 13.06 2.20 -14.65
N VAL A 62 13.58 2.20 -13.40
CA VAL A 62 15.02 2.11 -13.26
C VAL A 62 15.55 0.81 -13.88
N GLN A 63 14.93 -0.34 -13.60
CA GLN A 63 15.42 -1.59 -14.17
C GLN A 63 15.47 -1.53 -15.72
N GLN A 64 14.48 -0.88 -16.32
CA GLN A 64 14.39 -0.73 -17.77
C GLN A 64 15.31 0.36 -18.32
N LYS A 65 16.06 1.03 -17.44
CA LYS A 65 16.97 2.10 -17.85
C LYS A 65 16.19 3.30 -18.36
N LYS A 66 14.97 3.45 -17.87
CA LYS A 66 14.10 4.57 -18.24
C LYS A 66 14.19 5.76 -17.29
N LEU A 67 14.73 5.53 -16.10
CA LEU A 67 15.02 6.53 -15.10
C LEU A 67 16.33 6.12 -14.47
N ASP A 68 17.04 7.11 -13.86
CA ASP A 68 18.28 6.92 -13.15
C ASP A 68 17.94 6.96 -11.66
N ILE A 69 18.25 5.90 -10.89
CA ILE A 69 17.97 5.91 -9.46
C ILE A 69 18.65 7.08 -8.74
N ASN A 70 19.75 7.58 -9.31
CA ASN A 70 20.50 8.64 -8.65
C ASN A 70 20.26 10.02 -9.27
N GLN A 71 19.36 10.14 -10.27
CA GLN A 71 19.18 11.47 -10.80
C GLN A 71 18.66 12.40 -9.70
N LYS A 72 19.17 13.65 -9.72
CA LYS A 72 18.78 14.61 -8.70
C LYS A 72 17.45 15.25 -9.07
N VAL A 73 16.55 15.32 -8.09
CA VAL A 73 15.23 15.89 -8.27
C VAL A 73 15.14 17.12 -7.37
N LYS A 74 15.08 18.31 -8.00
CA LYS A 74 15.09 19.56 -7.25
C LYS A 74 13.69 20.18 -7.30
N TYR A 75 13.29 20.86 -6.21
CA TYR A 75 11.92 21.34 -6.06
C TYR A 75 11.91 22.56 -5.16
N GLU A 76 12.91 23.41 -5.35
CA GLU A 76 13.18 24.51 -4.41
C GLU A 76 12.02 25.49 -4.40
N SER A 77 11.23 25.55 -5.48
CA SER A 77 10.13 26.51 -5.59
C SER A 77 8.77 25.90 -5.24
N ARG A 78 8.72 24.62 -4.85
CA ARG A 78 7.43 23.96 -4.69
C ARG A 78 6.79 24.34 -3.35
N ASP A 79 5.46 24.53 -3.34
CA ASP A 79 4.73 24.59 -2.08
C ASP A 79 4.40 23.16 -1.66
N LEU A 80 5.21 22.61 -0.77
CA LEU A 80 5.12 21.20 -0.41
C LEU A 80 3.80 20.89 0.27
N GLU A 81 3.27 19.73 -0.10
CA GLU A 81 2.02 19.24 0.41
C GLU A 81 2.13 18.94 1.91
N TYR A 82 1.00 19.08 2.61
CA TYR A 82 0.85 18.54 3.95
C TYR A 82 1.32 17.08 3.96
N HIS A 83 1.98 16.70 5.05
CA HIS A 83 2.55 15.36 5.29
C HIS A 83 3.61 15.04 4.25
N SER A 84 4.69 15.80 4.28
CA SER A 84 5.86 15.64 3.43
C SER A 84 7.05 15.66 4.39
N PRO A 85 7.19 14.68 5.30
CA PRO A 85 8.22 14.76 6.33
C PRO A 85 9.66 14.71 5.81
N ILE A 86 9.89 14.00 4.71
CA ILE A 86 11.26 13.87 4.24
C ILE A 86 11.55 14.91 3.17
N THR A 87 10.63 15.15 2.23
CA THR A 87 10.93 16.16 1.24
C THR A 87 11.08 17.52 1.90
N THR A 88 10.37 17.76 3.02
CA THR A 88 10.55 19.04 3.73
C THR A 88 12.01 19.21 4.16
N LYS A 89 12.62 18.14 4.65
CA LYS A 89 13.99 18.20 5.17
C LYS A 89 15.00 18.53 4.08
N TYR A 90 14.71 18.16 2.83
CA TYR A 90 15.67 18.26 1.74
C TYR A 90 15.31 19.33 0.73
N LYS A 91 14.38 20.21 1.08
CA LYS A 91 13.91 21.16 0.09
C LYS A 91 15.04 22.02 -0.50
N GLY A 92 16.08 22.33 0.28
CA GLY A 92 17.14 23.13 -0.31
C GLY A 92 18.07 22.39 -1.28
N SER A 93 18.22 21.07 -1.08
CA SER A 93 19.24 20.31 -1.79
C SER A 93 18.66 19.40 -2.86
N GLY A 94 17.37 19.14 -2.78
CA GLY A 94 16.78 18.11 -3.62
C GLY A 94 17.08 16.73 -3.03
N MET A 95 16.59 15.71 -3.73
CA MET A 95 16.82 14.32 -3.36
C MET A 95 17.12 13.53 -4.63
N THR A 96 17.82 12.40 -4.50
CA THR A 96 17.81 11.50 -5.65
C THR A 96 16.41 10.93 -5.88
N LEU A 97 16.17 10.49 -7.12
CA LEU A 97 14.90 9.87 -7.44
C LEU A 97 14.63 8.67 -6.52
N GLY A 98 15.64 7.80 -6.33
CA GLY A 98 15.44 6.62 -5.50
C GLY A 98 15.07 6.99 -4.06
N ASP A 99 15.77 7.99 -3.50
CA ASP A 99 15.53 8.37 -2.11
C ASP A 99 14.16 9.02 -2.01
N MET A 100 13.76 9.81 -3.05
CA MET A 100 12.44 10.39 -3.02
C MET A 100 11.35 9.31 -3.07
N ALA A 101 11.57 8.28 -3.91
CA ALA A 101 10.57 7.21 -4.01
C ALA A 101 10.49 6.39 -2.73
N SER A 102 11.66 6.15 -2.14
CA SER A 102 11.69 5.50 -0.83
C SER A 102 10.85 6.26 0.19
N ALA A 103 10.96 7.59 0.20
CA ALA A 103 10.25 8.41 1.18
C ALA A 103 8.74 8.41 0.91
N ALA A 104 8.36 8.41 -0.38
CA ALA A 104 6.94 8.28 -0.74
C ALA A 104 6.33 7.04 -0.08
N LEU A 105 7.12 5.96 -0.05
CA LEU A 105 6.64 4.74 0.59
C LEU A 105 6.78 4.86 2.12
N GLN A 106 8.01 5.00 2.59
CA GLN A 106 8.29 4.74 4.02
C GLN A 106 7.72 5.78 5.00
N TYR A 107 7.48 7.00 4.48
CA TYR A 107 6.92 8.10 5.26
C TYR A 107 5.64 8.60 4.63
N SER A 108 5.13 7.90 3.58
CA SER A 108 3.89 8.34 2.94
C SER A 108 4.02 9.78 2.44
N ASP A 109 5.22 10.16 2.00
CA ASP A 109 5.52 11.57 1.74
C ASP A 109 4.75 12.07 0.52
N ASN A 110 3.89 13.08 0.76
CA ASN A 110 2.99 13.56 -0.30
C ASN A 110 3.76 14.36 -1.35
N GLY A 111 4.71 15.20 -0.94
CA GLY A 111 5.50 15.94 -1.91
C GLY A 111 6.30 14.97 -2.80
N ALA A 112 6.91 13.95 -2.16
CA ALA A 112 7.66 12.98 -2.95
C ALA A 112 6.74 12.30 -3.97
N THR A 113 5.53 11.94 -3.50
CA THR A 113 4.59 11.22 -4.39
C THR A 113 4.16 12.08 -5.57
N ASN A 114 3.72 13.31 -5.30
CA ASN A 114 3.22 14.15 -6.37
C ASN A 114 4.33 14.66 -7.28
N ILE A 115 5.54 14.89 -6.76
CA ILE A 115 6.63 15.29 -7.67
C ILE A 115 6.89 14.12 -8.61
N ILE A 116 6.95 12.88 -8.10
CA ILE A 116 7.25 11.76 -8.99
C ILE A 116 6.09 11.53 -9.95
N MET A 117 4.83 11.67 -9.52
CA MET A 117 3.75 11.54 -10.50
C MET A 117 3.75 12.69 -11.50
N GLU A 118 4.10 13.90 -11.12
CA GLU A 118 4.08 15.01 -12.08
C GLU A 118 5.19 14.83 -13.12
N ARG A 119 6.38 14.41 -12.70
CA ARG A 119 7.54 14.53 -13.56
C ARG A 119 7.82 13.24 -14.32
N PHE A 120 7.55 12.07 -13.71
CA PHE A 120 8.05 10.81 -14.23
C PHE A 120 6.93 9.84 -14.61
N LEU A 121 5.85 9.75 -13.86
CA LEU A 121 4.89 8.66 -14.03
C LEU A 121 3.59 9.07 -14.69
N GLY A 122 3.43 10.33 -15.15
CA GLY A 122 2.26 10.68 -15.95
C GLY A 122 1.01 10.91 -15.10
N GLY A 123 1.15 11.32 -13.83
CA GLY A 123 -0.02 11.65 -13.04
C GLY A 123 -0.82 10.43 -12.60
N PRO A 124 -1.99 10.69 -11.97
CA PRO A 124 -2.85 9.59 -11.55
C PRO A 124 -3.17 8.63 -12.69
N GLU A 125 -3.43 9.16 -13.89
CA GLU A 125 -3.80 8.27 -14.99
C GLU A 125 -2.59 7.46 -15.45
N GLY A 126 -1.39 8.04 -15.37
CA GLY A 126 -0.18 7.29 -15.71
C GLY A 126 0.07 6.15 -14.70
N MET A 127 -0.15 6.45 -13.42
CA MET A 127 0.01 5.44 -12.38
C MET A 127 -0.98 4.31 -12.60
N THR A 128 -2.20 4.71 -13.02
CA THR A 128 -3.22 3.72 -13.32
C THR A 128 -2.85 2.83 -14.52
N LYS A 129 -2.28 3.46 -15.56
CA LYS A 129 -1.86 2.70 -16.74
C LYS A 129 -0.73 1.75 -16.39
N PHE A 130 0.18 2.14 -15.48
CA PHE A 130 1.22 1.21 -15.04
C PHE A 130 0.57 -0.01 -14.39
N MET A 131 -0.42 0.23 -13.53
CA MET A 131 -1.08 -0.92 -12.91
C MET A 131 -1.78 -1.80 -13.94
N ARG A 132 -2.45 -1.20 -14.95
CA ARG A 132 -3.06 -2.02 -15.98
C ARG A 132 -1.97 -2.84 -16.65
N SER A 133 -0.77 -2.25 -16.85
CA SER A 133 0.24 -2.91 -17.64
C SER A 133 0.72 -4.20 -16.98
N ILE A 134 0.55 -4.31 -15.65
CA ILE A 134 0.97 -5.51 -14.94
C ILE A 134 -0.22 -6.41 -14.67
N GLY A 135 -1.36 -6.10 -15.27
CA GLY A 135 -2.49 -7.03 -15.16
C GLY A 135 -3.42 -6.74 -13.99
N ASP A 136 -3.35 -5.52 -13.46
CA ASP A 136 -4.27 -5.14 -12.40
C ASP A 136 -5.36 -4.30 -13.07
N ASN A 137 -6.56 -4.89 -13.13
CA ASN A 137 -7.67 -4.25 -13.81
C ASN A 137 -8.58 -3.51 -12.84
N GLU A 138 -8.27 -3.56 -11.54
CA GLU A 138 -9.15 -2.94 -10.55
C GLU A 138 -8.66 -1.56 -10.10
N PHE A 139 -7.35 -1.44 -9.89
CA PHE A 139 -6.80 -0.23 -9.32
C PHE A 139 -7.21 0.97 -10.17
N ARG A 140 -7.61 2.05 -9.52
CA ARG A 140 -7.82 3.31 -10.27
C ARG A 140 -7.39 4.46 -9.39
N LEU A 141 -6.52 5.32 -9.94
CA LEU A 141 -6.11 6.51 -9.23
C LEU A 141 -6.64 7.68 -10.03
N ASP A 142 -7.52 8.45 -9.42
CA ASP A 142 -8.30 9.48 -10.11
C ASP A 142 -7.87 10.88 -9.68
N ARG A 143 -7.18 10.99 -8.53
CA ARG A 143 -6.79 12.31 -8.00
C ARG A 143 -5.35 12.19 -7.54
N TRP A 144 -4.78 13.35 -7.22
CA TRP A 144 -3.40 13.42 -6.79
C TRP A 144 -3.27 12.98 -5.32
N ALA A 145 -2.01 12.70 -4.92
CA ALA A 145 -1.76 12.38 -3.51
C ALA A 145 -2.32 13.52 -2.68
N LEU A 146 -2.84 13.16 -1.50
CA LEU A 146 -3.40 14.12 -0.58
C LEU A 146 -4.84 14.46 -0.96
N GLU A 147 -5.05 14.97 -2.18
CA GLU A 147 -6.32 15.32 -2.76
C GLU A 147 -7.29 14.13 -2.73
N LEU A 148 -6.75 12.92 -2.90
CA LEU A 148 -7.62 11.77 -3.09
C LEU A 148 -8.35 11.27 -1.86
N ASN A 149 -8.06 11.76 -0.66
CA ASN A 149 -8.36 11.06 0.60
C ASN A 149 -9.77 11.33 1.11
N THR A 150 -10.75 11.63 0.25
CA THR A 150 -12.10 11.95 0.72
C THR A 150 -12.90 10.75 1.22
N ALA A 151 -12.64 9.58 0.67
CA ALA A 151 -13.23 8.31 1.12
C ALA A 151 -14.76 8.36 1.21
N ILE A 152 -15.43 9.01 0.23
CA ILE A 152 -16.87 9.17 0.33
CA ILE A 152 -16.87 9.19 0.30
C ILE A 152 -17.54 7.84 0.01
N PRO A 153 -18.53 7.38 0.80
CA PRO A 153 -19.21 6.10 0.52
C PRO A 153 -19.78 6.17 -0.89
N GLY A 154 -19.62 5.07 -1.61
CA GLY A 154 -20.19 5.00 -2.94
C GLY A 154 -19.30 5.55 -4.06
N ASP A 155 -18.24 6.29 -3.71
CA ASP A 155 -17.38 6.91 -4.70
C ASP A 155 -16.36 5.86 -5.18
N LYS A 156 -16.31 5.63 -6.48
CA LYS A 156 -15.39 4.65 -7.03
C LYS A 156 -14.01 5.24 -7.28
N ARG A 157 -13.84 6.57 -7.16
CA ARG A 157 -12.51 7.11 -7.43
C ARG A 157 -11.50 6.63 -6.40
N ASP A 158 -10.25 6.42 -6.86
CA ASP A 158 -9.13 6.18 -5.95
C ASP A 158 -9.40 4.93 -5.11
N THR A 159 -9.86 3.87 -5.81
CA THR A 159 -10.16 2.61 -5.16
C THR A 159 -9.34 1.49 -5.80
N SER A 160 -9.27 0.37 -5.08
CA SER A 160 -8.94 -0.91 -5.66
C SER A 160 -9.69 -1.97 -4.86
N THR A 161 -9.33 -3.23 -5.01
CA THR A 161 -9.95 -4.27 -4.18
C THR A 161 -8.85 -4.92 -3.35
N PRO A 162 -9.20 -5.57 -2.21
CA PRO A 162 -8.15 -6.21 -1.38
C PRO A 162 -7.38 -7.26 -2.18
N LYS A 163 -8.11 -8.00 -3.03
CA LYS A 163 -7.48 -9.03 -3.85
C LYS A 163 -6.54 -8.41 -4.88
N ALA A 164 -6.99 -7.33 -5.57
CA ALA A 164 -6.09 -6.81 -6.59
C ALA A 164 -4.83 -6.19 -5.96
N VAL A 165 -4.99 -5.55 -4.77
CA VAL A 165 -3.84 -5.05 -4.05
C VAL A 165 -2.88 -6.20 -3.70
N ALA A 166 -3.44 -7.29 -3.16
CA ALA A 166 -2.57 -8.40 -2.78
C ALA A 166 -1.84 -8.98 -4.00
N ASN A 167 -2.59 -9.17 -5.09
CA ASN A 167 -1.97 -9.76 -6.28
C ASN A 167 -0.91 -8.81 -6.85
N SER A 168 -1.20 -7.50 -6.86
CA SER A 168 -0.23 -6.56 -7.36
C SER A 168 1.00 -6.47 -6.44
N LEU A 169 0.81 -6.51 -5.10
CA LEU A 169 1.97 -6.53 -4.23
C LEU A 169 2.85 -7.76 -4.47
N ASN A 170 2.20 -8.91 -4.65
CA ASN A 170 2.92 -10.14 -4.95
C ASN A 170 3.76 -9.95 -6.22
N LYS A 171 3.12 -9.47 -7.30
CA LYS A 171 3.79 -9.25 -8.57
C LYS A 171 4.97 -8.30 -8.42
N LEU A 172 4.82 -7.22 -7.61
CA LEU A 172 5.85 -6.19 -7.55
C LEU A 172 6.97 -6.56 -6.58
N ALA A 173 6.63 -7.22 -5.47
CA ALA A 173 7.62 -7.50 -4.43
C ALA A 173 8.37 -8.82 -4.59
N LEU A 174 7.76 -9.83 -5.23
CA LEU A 174 8.29 -11.17 -5.07
C LEU A 174 8.89 -11.76 -6.34
N GLY A 175 9.05 -10.97 -7.42
CA GLY A 175 9.96 -11.35 -8.49
C GLY A 175 9.32 -11.46 -9.88
N ASN A 176 8.08 -11.00 -10.05
CA ASN A 176 7.37 -11.05 -11.33
C ASN A 176 7.75 -9.77 -12.13
N VAL A 177 7.42 -8.60 -11.58
CA VAL A 177 7.64 -7.35 -12.35
C VAL A 177 9.04 -6.78 -12.11
N LEU A 178 9.55 -6.90 -10.89
CA LEU A 178 10.90 -6.43 -10.56
C LEU A 178 11.82 -7.64 -10.56
N ASN A 179 12.79 -7.59 -11.47
CA ASN A 179 13.60 -8.75 -11.83
C ASN A 179 15.07 -8.55 -11.47
N ALA A 180 15.52 -7.29 -11.47
CA ALA A 180 16.93 -6.98 -11.25
C ALA A 180 17.16 -6.77 -9.74
N LYS A 181 18.27 -6.12 -9.36
CA LYS A 181 18.59 -5.75 -8.00
C LYS A 181 17.48 -4.87 -7.41
N VAL A 182 16.72 -4.17 -8.27
CA VAL A 182 15.66 -3.29 -7.78
C VAL A 182 14.60 -4.09 -6.99
N LYS A 183 14.47 -5.40 -7.20
CA LYS A 183 13.49 -6.17 -6.42
C LYS A 183 13.89 -6.16 -4.95
N ALA A 184 15.16 -6.48 -4.64
CA ALA A 184 15.62 -6.46 -3.26
C ALA A 184 15.53 -5.05 -2.69
N ILE A 185 15.81 -4.04 -3.52
CA ILE A 185 15.68 -2.66 -3.03
C ILE A 185 14.23 -2.35 -2.61
N TYR A 186 13.27 -2.80 -3.44
CA TYR A 186 11.87 -2.55 -3.12
C TYR A 186 11.48 -3.27 -1.84
N GLN A 187 11.94 -4.52 -1.71
CA GLN A 187 11.65 -5.25 -0.47
C GLN A 187 12.22 -4.49 0.72
N ASN A 188 13.43 -3.96 0.57
CA ASN A 188 14.03 -3.19 1.66
C ASN A 188 13.18 -1.95 1.97
N TRP A 189 12.67 -1.28 0.95
CA TRP A 189 11.85 -0.09 1.22
C TRP A 189 10.63 -0.50 2.04
N LEU A 190 9.94 -1.56 1.60
CA LEU A 190 8.76 -2.03 2.31
C LEU A 190 9.12 -2.37 3.77
N LYS A 191 10.22 -3.14 3.96
CA LYS A 191 10.65 -3.55 5.30
C LYS A 191 10.92 -2.35 6.20
N GLY A 192 11.43 -1.24 5.66
CA GLY A 192 11.70 -0.03 6.46
C GLY A 192 10.51 0.94 6.55
N ASN A 193 9.31 0.55 6.10
CA ASN A 193 8.18 1.45 6.23
C ASN A 193 8.01 1.81 7.71
N THR A 194 7.64 3.07 7.99
CA THR A 194 7.67 3.56 9.37
C THR A 194 6.29 3.70 10.02
N THR A 195 5.20 3.48 9.29
CA THR A 195 3.89 3.94 9.70
C THR A 195 2.96 2.79 10.05
N GLY A 196 3.45 1.54 9.98
CA GLY A 196 2.58 0.37 10.08
C GLY A 196 2.79 -0.48 11.33
N ASP A 197 3.43 0.07 12.39
CA ASP A 197 3.72 -0.80 13.51
C ASP A 197 2.47 -1.34 14.24
N ALA A 198 1.36 -0.61 14.18
CA ALA A 198 0.15 -1.02 14.87
C ALA A 198 -0.82 -1.82 14.00
N ARG A 199 -0.43 -2.16 12.76
CA ARG A 199 -1.34 -2.79 11.81
C ARG A 199 -0.88 -4.20 11.52
N ILE A 200 -0.63 -4.60 10.26
CA ILE A 200 -0.26 -5.98 9.99
C ILE A 200 0.95 -6.43 10.82
N ARG A 201 1.94 -5.54 10.99
CA ARG A 201 3.12 -5.89 11.80
C ARG A 201 2.73 -6.35 13.20
N ALA A 202 1.63 -5.81 13.76
CA ALA A 202 1.31 -6.17 15.15
C ALA A 202 0.75 -7.58 15.21
N SER A 203 0.40 -8.18 14.06
CA SER A 203 -0.25 -9.47 14.04
C SER A 203 0.78 -10.59 13.82
N VAL A 204 2.03 -10.22 13.51
CA VAL A 204 3.05 -11.12 12.99
C VAL A 204 4.04 -11.37 14.13
N PRO A 205 4.50 -12.62 14.40
CA PRO A 205 5.57 -12.83 15.38
C PRO A 205 6.79 -11.97 15.04
N ALA A 206 7.51 -11.58 16.09
CA ALA A 206 8.58 -10.63 15.91
C ALA A 206 9.75 -11.24 15.16
N ASP A 207 9.85 -12.58 15.07
CA ASP A 207 11.02 -13.10 14.39
C ASP A 207 10.70 -13.48 12.95
N TRP A 208 9.57 -12.98 12.42
CA TRP A 208 9.28 -12.97 11.00
C TRP A 208 9.56 -11.56 10.49
N VAL A 209 10.01 -11.48 9.26
CA VAL A 209 10.33 -10.20 8.65
C VAL A 209 9.11 -9.69 7.91
N VAL A 210 8.79 -8.39 7.96
CA VAL A 210 7.59 -7.83 7.33
C VAL A 210 7.96 -6.53 6.64
N GLY A 211 7.34 -6.34 5.49
CA GLY A 211 7.35 -5.03 4.84
C GLY A 211 5.91 -4.65 4.54
N ASP A 212 5.62 -3.33 4.61
CA ASP A 212 4.22 -2.95 4.44
C ASP A 212 4.10 -1.55 3.87
N LYS A 213 2.87 -1.20 3.48
CA LYS A 213 2.51 0.20 3.28
C LYS A 213 1.09 0.43 3.77
N THR A 214 0.91 1.52 4.54
CA THR A 214 -0.36 1.93 5.10
C THR A 214 -1.11 2.95 4.27
N GLY A 215 -2.37 3.11 4.65
CA GLY A 215 -3.13 4.28 4.21
C GLY A 215 -4.15 4.65 5.27
N SER A 216 -4.35 5.96 5.49
CA SER A 216 -5.35 6.44 6.44
C SER A 216 -5.94 7.71 5.83
N CYS A 217 -7.16 7.60 5.28
CA CYS A 217 -7.76 8.73 4.57
C CYS A 217 -8.05 9.91 5.52
N GLY A 218 -8.33 9.66 6.80
CA GLY A 218 -8.68 10.74 7.71
C GLY A 218 -10.16 11.13 7.65
N ALA A 219 -11.00 10.29 7.03
CA ALA A 219 -12.44 10.49 6.95
C ALA A 219 -13.10 9.13 6.81
N TYR A 220 -14.33 9.01 7.30
CA TYR A 220 -15.13 7.82 7.12
C TYR A 220 -14.42 6.57 7.65
N GLY A 221 -13.64 6.72 8.72
CA GLY A 221 -12.99 5.60 9.39
C GLY A 221 -12.13 4.75 8.45
N THR A 222 -11.63 5.35 7.34
CA THR A 222 -11.12 4.57 6.22
C THR A 222 -9.61 4.44 6.31
N ALA A 223 -9.14 3.19 6.43
CA ALA A 223 -7.72 2.97 6.58
C ALA A 223 -7.39 1.54 6.15
N ASN A 224 -6.11 1.29 5.94
CA ASN A 224 -5.70 0.06 5.27
C ASN A 224 -4.22 -0.21 5.49
N ASP A 225 -3.81 -1.42 5.16
CA ASP A 225 -2.41 -1.80 5.18
C ASP A 225 -2.25 -3.00 4.25
N TYR A 226 -1.12 -3.10 3.59
CA TYR A 226 -0.78 -4.33 2.88
C TYR A 226 0.64 -4.71 3.25
N ALA A 227 0.95 -6.02 3.21
CA ALA A 227 2.27 -6.42 3.67
C ALA A 227 2.71 -7.68 2.93
N VAL A 228 4.02 -7.80 2.78
CA VAL A 228 4.71 -9.04 2.47
C VAL A 228 5.35 -9.49 3.77
N ILE A 229 5.16 -10.78 4.07
CA ILE A 229 5.67 -11.32 5.32
C ILE A 229 6.57 -12.51 4.98
N TRP A 230 7.77 -12.53 5.53
CA TRP A 230 8.70 -13.63 5.33
C TRP A 230 8.80 -14.41 6.64
N PRO A 231 8.02 -15.50 6.84
CA PRO A 231 8.13 -16.32 8.05
C PRO A 231 9.50 -16.98 8.10
N LYS A 232 9.86 -17.44 9.29
CA LYS A 232 10.99 -18.33 9.43
C LYS A 232 10.65 -19.66 8.77
N ASN A 233 11.53 -20.05 7.86
CA ASN A 233 11.53 -21.40 7.30
C ASN A 233 10.26 -21.68 6.48
N ARG A 234 9.60 -20.66 5.89
CA ARG A 234 8.49 -20.96 5.00
C ARG A 234 8.43 -19.87 3.96
N ALA A 235 7.65 -20.10 2.90
CA ALA A 235 7.52 -19.16 1.80
C ALA A 235 6.78 -17.92 2.27
N PRO A 236 6.94 -16.78 1.58
CA PRO A 236 6.24 -15.55 1.95
C PRO A 236 4.73 -15.64 1.97
N LEU A 237 4.14 -14.78 2.80
CA LEU A 237 2.71 -14.53 2.82
C LEU A 237 2.47 -13.12 2.29
N ILE A 238 1.28 -12.91 1.74
CA ILE A 238 0.83 -11.58 1.35
C ILE A 238 -0.46 -11.33 2.11
N VAL A 239 -0.60 -10.14 2.72
CA VAL A 239 -1.81 -9.80 3.47
C VAL A 239 -2.28 -8.42 3.06
N SER A 240 -3.56 -8.27 2.71
CA SER A 240 -4.10 -6.98 2.25
C SER A 240 -5.39 -6.71 3.03
N ILE A 241 -5.43 -5.63 3.83
CA ILE A 241 -6.56 -5.35 4.69
C ILE A 241 -7.02 -3.92 4.45
N TYR A 242 -8.29 -3.74 4.10
CA TYR A 242 -8.87 -2.44 3.80
C TYR A 242 -10.15 -2.24 4.62
N THR A 243 -10.41 -1.02 5.10
CA THR A 243 -11.58 -0.77 5.93
C THR A 243 -12.27 0.53 5.51
N THR A 244 -13.59 0.58 5.77
CA THR A 244 -14.37 1.80 5.60
C THR A 244 -15.42 1.85 6.72
N ARG A 245 -15.89 3.07 7.04
CA ARG A 245 -17.09 3.33 7.84
C ARG A 245 -17.94 4.40 7.12
N LYS A 246 -19.15 4.64 7.64
CA LYS A 246 -20.24 5.24 6.87
C LYS A 246 -20.49 6.70 7.23
N SER A 247 -19.96 7.18 8.37
CA SER A 247 -20.14 8.55 8.77
C SER A 247 -18.80 9.25 8.69
N LYS A 248 -18.84 10.51 8.20
CA LYS A 248 -17.61 11.20 7.88
C LYS A 248 -16.72 11.25 9.12
N ASP A 249 -17.30 11.34 10.33
CA ASP A 249 -16.55 11.57 11.56
C ASP A 249 -16.10 10.29 12.24
N ASP A 250 -16.45 9.14 11.67
CA ASP A 250 -15.99 7.87 12.21
C ASP A 250 -14.47 7.84 12.13
N LYS A 251 -13.82 7.24 13.13
CA LYS A 251 -12.37 7.14 13.13
C LYS A 251 -11.96 5.72 12.72
N HIS A 252 -10.74 5.63 12.18
CA HIS A 252 -10.29 4.31 11.79
C HIS A 252 -9.79 3.54 13.02
N SER A 253 -9.51 2.26 12.78
CA SER A 253 -9.13 1.38 13.87
C SER A 253 -7.91 0.55 13.49
N ASP A 254 -6.76 0.87 14.09
CA ASP A 254 -5.57 0.05 13.91
C ASP A 254 -5.79 -1.38 14.41
N LYS A 255 -6.43 -1.51 15.59
CA LYS A 255 -6.55 -2.83 16.20
C LYS A 255 -7.47 -3.71 15.36
N THR A 256 -8.50 -3.13 14.66
CA THR A 256 -9.32 -3.90 13.74
C THR A 256 -8.48 -4.42 12.57
N ILE A 257 -7.60 -3.60 12.02
CA ILE A 257 -6.75 -4.05 10.93
C ILE A 257 -5.82 -5.17 11.39
N ALA A 258 -5.17 -4.97 12.56
CA ALA A 258 -4.30 -6.03 13.05
C ALA A 258 -5.08 -7.34 13.27
N GLU A 259 -6.28 -7.26 13.85
CA GLU A 259 -7.11 -8.42 14.08
C GLU A 259 -7.49 -9.15 12.80
N ALA A 260 -7.92 -8.37 11.80
CA ALA A 260 -8.29 -8.96 10.53
C ALA A 260 -7.08 -9.66 9.92
N SER A 261 -5.89 -9.08 10.07
CA SER A 261 -4.67 -9.73 9.61
C SER A 261 -4.41 -11.05 10.36
N ARG A 262 -4.49 -11.04 11.69
CA ARG A 262 -4.36 -12.26 12.47
C ARG A 262 -5.30 -13.35 11.94
N ILE A 263 -6.58 -13.00 11.75
CA ILE A 263 -7.58 -13.94 11.27
C ILE A 263 -7.18 -14.49 9.90
N ALA A 264 -6.72 -13.60 9.00
CA ALA A 264 -6.35 -14.02 7.64
C ALA A 264 -5.16 -14.98 7.66
N ILE A 265 -4.14 -14.65 8.45
CA ILE A 265 -2.96 -15.50 8.54
C ILE A 265 -3.35 -16.88 9.09
N GLN A 266 -4.23 -16.92 10.09
CA GLN A 266 -4.68 -18.21 10.59
C GLN A 266 -5.42 -18.98 9.49
N ALA A 267 -6.21 -18.29 8.68
CA ALA A 267 -7.04 -18.96 7.69
C ALA A 267 -6.22 -19.62 6.57
N ILE A 268 -5.09 -18.99 6.15
CA ILE A 268 -4.40 -19.50 4.97
C ILE A 268 -3.48 -20.66 5.30
N ASP A 269 -3.24 -20.84 6.60
CA ASP A 269 -2.40 -21.89 7.13
C ASP A 269 -3.18 -23.20 7.32
C1 GOL B . -1.62 18.13 -7.04
O1 GOL B . -2.95 18.62 -6.83
C2 GOL B . -1.07 18.61 -8.35
O2 GOL B . 0.10 17.88 -8.70
C3 GOL B . -2.02 18.49 -9.51
O3 GOL B . -1.30 18.62 -10.73
C1 BMG C . -0.57 10.71 6.05
C1 BMG C . -0.81 10.45 6.35
C3 BMG C . -0.11 8.32 6.13
C3 BMG C . -0.40 8.12 6.15
C5 BMG C . -0.77 10.01 4.69
C5 BMG C . -0.85 9.97 4.89
C6 BMG C . -2.18 9.82 4.10
C6 BMG C . -2.20 9.95 4.18
C7 BMG C . -2.16 8.45 3.48
C7 BMG C . -2.31 8.69 3.37
C8 BMG C . -2.70 10.85 3.09
C8 BMG C . -2.56 11.18 3.34
C11 BMG C . 0.27 7.07 6.59
C11 BMG C . -0.23 6.79 6.40
C17 BMG C . -1.88 9.61 9.42
C17 BMG C . 0.69 9.56 10.12
C18 BMG C . -3.19 9.61 10.19
C18 BMG C . -0.09 8.46 10.85
C20 BMG C . -4.00 7.43 11.41
C20 BMG C . 1.20 6.42 11.92
C22 BMG C . -2.11 6.48 11.26
C22 BMG C . 3.07 7.44 11.91
C9 BMG C . -3.47 12.00 3.74
C9 BMG C . -2.63 12.51 4.08
O14 BMG C . -2.98 7.56 3.71
O14 BMG C . -3.12 7.80 3.64
O15 BMG C . -1.59 11.35 2.34
O15 BMG C . -1.61 11.47 2.32
C10 BMG C . -1.41 11.91 6.49
C10 BMG C . -1.93 11.41 6.75
N4 BMG C . -0.17 8.67 4.87
N4 BMG C . -0.33 8.59 4.93
O13 BMG C . 0.04 6.03 5.89
O13 BMG C . 0.24 5.99 5.54
O12 BMG C . 0.74 6.93 7.75
O12 BMG C . -0.57 6.38 7.54
C2 BMG C . -0.55 9.50 6.98
C2 BMG C . -0.69 9.18 7.20
S16 BMG C . -2.13 9.01 7.74
S16 BMG C . 0.76 9.25 8.32
C24 BMG C . -1.01 8.52 10.02
C24 BMG C . 2.07 9.61 10.80
N23 BMG C . -2.00 7.67 10.69
N23 BMG C . 2.19 8.28 11.39
N19 BMG C . -3.20 8.27 10.78
N19 BMG C . 0.98 7.62 11.40
N21 BMG C . -3.34 6.31 11.73
N21 BMG C . 2.48 6.30 12.26
CL CL D . -2.32 10.20 -0.47
#